data_5OC1
#
_entry.id   5OC1
#
_cell.length_a   179.326
_cell.length_b   179.326
_cell.length_c   160.177
_cell.angle_alpha   90.00
_cell.angle_beta   90.00
_cell.angle_gamma   120.00
#
_symmetry.space_group_name_H-M   'P 64 2 2'
#
loop_
_entity.id
_entity.type
_entity.pdbx_description
1 polymer 'Aryl-alcohol oxidase'
2 non-polymer '4-METHOXYBENZOIC ACID'
3 non-polymer 'FLAVIN-ADENINE DINUCLEOTIDE'
4 non-polymer GLYCEROL
5 water water
#
_entity_poly.entity_id   1
_entity_poly.type   'polypeptide(L)'
_entity_poly.pdbx_seq_one_letter_code
;DFDYVVVGAGNAGNVVAARLTEDPDVSVLVLEAGVSDENVLGAEAPLLAPGLVPNSIFDWNYTTTAQAGYNGRSIAYPRG
RMLGGSSSVHYMVMMRGSTEDFDRYAAVTGDEGWNWDNIQQFVRKNEMVVPPADNHNTSGEFIPAVHGTNGSVSISLPGF
PTPLDDRVLATTQEQSEEFFFNPDMGTGHPLGISWSIASVGNGQRSSSSTAYLRPAQSRPNLSVLINAQVTKLVNSGTTN
GLPAFRCVEYAEQEGAPTTTVCAKKEVVLSAGSVGTPILLQLSGIGDENDLSSVGIDTIVNNPSVGRNLSDHLLLPAAFF
VNSNQTFDNIFRDSSEFNVDLDQWTNTRTGPLTALIANHLAWLRLPSNSSIFQTFPDPAAGPNSAHWETIFSNQWFHPAI
PRPDTGSFMSVTNALISPVARGDIKLATSNPFDKPLINPQYLSTEFDIFTMIQAVKSNLRFLSGQAWADFVIRPFDPRLR
DPTDDAAIESYIRDNANTIFHPVGTASMSPRGASWGVVDPDLKVKGVDGLRIVDGSILPFAPNAHTQGPIYLVGERGADL
IKADQ
;
_entity_poly.pdbx_strand_id   A
#
loop_
_chem_comp.id
_chem_comp.type
_chem_comp.name
_chem_comp.formula
ANN non-polymer '4-METHOXYBENZOIC ACID' 'C8 H8 O3'
FAD non-polymer 'FLAVIN-ADENINE DINUCLEOTIDE' 'C27 H33 N9 O15 P2'
GOL non-polymer GLYCEROL 'C3 H8 O3'
#
# COMPACT_ATOMS: atom_id res chain seq x y z
N ASP A 1 -21.66 -27.11 -0.13
CA ASP A 1 -21.16 -25.70 -0.03
C ASP A 1 -19.63 -25.61 0.25
N PHE A 2 -19.12 -24.38 0.39
CA PHE A 2 -17.68 -24.10 0.37
C PHE A 2 -16.95 -24.30 1.70
N ASP A 3 -15.69 -24.76 1.61
CA ASP A 3 -14.83 -24.84 2.81
C ASP A 3 -14.46 -23.46 3.33
N TYR A 4 -14.14 -22.55 2.40
CA TYR A 4 -13.80 -21.19 2.80
C TYR A 4 -14.54 -20.17 1.99
N VAL A 5 -14.87 -19.07 2.65
CA VAL A 5 -15.31 -17.87 1.97
C VAL A 5 -14.27 -16.76 2.22
N VAL A 6 -13.71 -16.26 1.12
CA VAL A 6 -12.78 -15.13 1.16
C VAL A 6 -13.53 -13.86 0.77
N VAL A 7 -13.52 -12.88 1.67
CA VAL A 7 -14.14 -11.60 1.42
C VAL A 7 -13.07 -10.63 0.89
N GLY A 8 -13.13 -10.35 -0.42
CA GLY A 8 -12.26 -9.38 -1.08
C GLY A 8 -11.21 -10.05 -1.95
N ALA A 9 -11.29 -9.85 -3.26
CA ALA A 9 -10.34 -10.47 -4.20
C ALA A 9 -9.12 -9.56 -4.42
N GLY A 10 -8.48 -9.20 -3.29
CA GLY A 10 -7.48 -8.15 -3.28
C GLY A 10 -6.05 -8.66 -3.23
N ASN A 11 -5.15 -7.76 -2.84
CA ASN A 11 -3.72 -8.03 -2.81
C ASN A 11 -3.45 -9.35 -2.04
N ALA A 12 -4.00 -9.45 -0.83
CA ALA A 12 -3.85 -10.62 0.03
C ALA A 12 -4.91 -11.70 -0.24
N GLY A 13 -6.18 -11.29 -0.40
CA GLY A 13 -7.26 -12.25 -0.66
C GLY A 13 -6.98 -13.27 -1.75
N ASN A 14 -6.43 -12.80 -2.87
CA ASN A 14 -6.14 -13.68 -4.00
C ASN A 14 -5.06 -14.71 -3.71
N VAL A 15 -4.09 -14.34 -2.86
CA VAL A 15 -3.06 -15.27 -2.41
C VAL A 15 -3.74 -16.40 -1.65
N VAL A 16 -4.61 -16.06 -0.70
CA VAL A 16 -5.28 -17.03 0.15
C VAL A 16 -6.13 -17.97 -0.72
N ALA A 17 -6.91 -17.40 -1.63
CA ALA A 17 -7.81 -18.20 -2.46
C ALA A 17 -7.03 -19.19 -3.33
N ALA A 18 -5.98 -18.71 -4.00
CA ALA A 18 -5.17 -19.54 -4.88
C ALA A 18 -4.39 -20.57 -4.09
N ARG A 19 -3.77 -20.16 -2.98
CA ARG A 19 -2.98 -21.10 -2.19
C ARG A 19 -3.85 -22.23 -1.62
N LEU A 20 -5.04 -21.89 -1.12
CA LEU A 20 -5.91 -22.90 -0.50
C LEU A 20 -6.43 -23.91 -1.52
N THR A 21 -6.71 -23.44 -2.73
CA THR A 21 -7.24 -24.33 -3.78
C THR A 21 -6.20 -25.18 -4.51
N GLU A 22 -4.93 -25.05 -4.12
CA GLU A 22 -3.86 -25.97 -4.58
C GLU A 22 -4.18 -27.43 -4.18
N ASP A 23 -4.82 -27.57 -3.02
CA ASP A 23 -5.41 -28.81 -2.57
C ASP A 23 -6.77 -29.02 -3.27
N PRO A 24 -6.89 -30.07 -4.12
CA PRO A 24 -8.15 -30.27 -4.87
C PRO A 24 -9.39 -30.55 -4.01
N ASP A 25 -9.21 -30.99 -2.75
CA ASP A 25 -10.35 -31.28 -1.84
C ASP A 25 -10.76 -30.08 -0.99
N VAL A 26 -10.15 -28.92 -1.24
CA VAL A 26 -10.49 -27.69 -0.53
C VAL A 26 -11.13 -26.69 -1.48
N SER A 27 -12.38 -26.31 -1.17
CA SER A 27 -13.15 -25.41 -2.01
C SER A 27 -13.16 -24.01 -1.41
N VAL A 28 -13.04 -23.01 -2.29
CA VAL A 28 -13.03 -21.60 -1.87
C VAL A 28 -13.94 -20.76 -2.77
N LEU A 29 -14.77 -19.96 -2.11
CA LEU A 29 -15.57 -18.91 -2.75
C LEU A 29 -14.99 -17.54 -2.40
N VAL A 30 -14.66 -16.78 -3.45
CA VAL A 30 -14.20 -15.41 -3.31
C VAL A 30 -15.33 -14.45 -3.65
N LEU A 31 -15.60 -13.51 -2.74
CA LEU A 31 -16.59 -12.47 -2.99
C LEU A 31 -15.92 -11.12 -3.14
N GLU A 32 -16.02 -10.56 -4.34
CA GLU A 32 -15.48 -9.24 -4.64
C GLU A 32 -16.60 -8.25 -4.97
N ALA A 33 -16.59 -7.12 -4.27
CA ALA A 33 -17.56 -6.08 -4.45
C ALA A 33 -17.50 -5.44 -5.83
N GLY A 34 -16.27 -5.31 -6.38
CA GLY A 34 -16.03 -4.53 -7.59
C GLY A 34 -16.20 -5.32 -8.86
N VAL A 35 -15.79 -4.69 -9.96
CA VAL A 35 -15.87 -5.25 -11.31
C VAL A 35 -14.61 -6.03 -11.67
N SER A 36 -14.65 -6.66 -12.84
CA SER A 36 -13.48 -7.33 -13.42
C SER A 36 -12.35 -6.33 -13.70
N ASP A 37 -11.11 -6.85 -13.66
CA ASP A 37 -9.93 -6.09 -14.08
C ASP A 37 -9.57 -6.27 -15.57
N GLU A 38 -10.27 -7.16 -16.27
CA GLU A 38 -10.04 -7.39 -17.70
C GLU A 38 -10.45 -6.22 -18.56
N ASN A 39 -9.64 -5.93 -19.59
CA ASN A 39 -9.85 -4.83 -20.55
C ASN A 39 -9.82 -3.46 -19.89
N VAL A 40 -8.93 -3.35 -18.91
CA VAL A 40 -8.70 -2.07 -18.28
C VAL A 40 -7.25 -1.75 -18.59
N LEU A 41 -7.07 -1.10 -19.74
CA LEU A 41 -5.79 -0.56 -20.21
C LEU A 41 -5.05 0.19 -19.10
N GLY A 42 -5.77 1.06 -18.38
CA GLY A 42 -5.21 1.83 -17.27
C GLY A 42 -4.64 0.96 -16.15
N ALA A 43 -5.12 -0.28 -16.04
CA ALA A 43 -4.63 -1.23 -15.04
C ALA A 43 -3.58 -2.20 -15.59
N GLU A 44 -3.24 -2.03 -16.88
CA GLU A 44 -2.26 -2.90 -17.55
C GLU A 44 -0.96 -2.17 -17.90
N ALA A 45 -1.05 -0.99 -18.51
CA ALA A 45 0.14 -0.23 -18.90
C ALA A 45 0.65 0.52 -17.66
N PRO A 46 1.90 0.25 -17.22
CA PRO A 46 2.38 0.84 -15.95
C PRO A 46 2.22 2.36 -15.79
N LEU A 47 2.56 3.11 -16.84
CA LEU A 47 2.56 4.58 -16.76
C LEU A 47 1.15 5.16 -16.59
N LEU A 48 0.12 4.39 -16.98
CA LEU A 48 -1.27 4.82 -16.88
C LEU A 48 -1.91 4.63 -15.50
N ALA A 49 -1.19 3.98 -14.59
CA ALA A 49 -1.71 3.70 -13.26
C ALA A 49 -2.24 4.95 -12.52
N PRO A 50 -1.47 6.08 -12.49
CA PRO A 50 -2.00 7.20 -11.68
C PRO A 50 -3.38 7.78 -12.08
N GLY A 51 -3.76 7.65 -13.35
CA GLY A 51 -5.13 8.07 -13.77
C GLY A 51 -6.35 7.28 -13.24
N LEU A 52 -6.13 6.09 -12.67
CA LEU A 52 -7.19 5.10 -12.50
C LEU A 52 -8.21 5.43 -11.40
N VAL A 53 -7.68 5.89 -10.26
CA VAL A 53 -8.43 6.30 -9.07
C VAL A 53 -7.82 7.68 -8.72
N PRO A 54 -8.48 8.57 -7.96
CA PRO A 54 -9.63 8.32 -7.11
C PRO A 54 -11.07 8.47 -7.64
N ASN A 55 -11.38 9.14 -8.71
CA ASN A 55 -12.87 9.34 -8.82
C ASN A 55 -13.50 8.58 -9.96
N SER A 56 -13.76 7.29 -9.73
CA SER A 56 -14.04 6.40 -10.84
C SER A 56 -14.76 5.14 -10.40
N ILE A 57 -15.15 4.32 -11.38
CA ILE A 57 -15.81 3.07 -11.07
C ILE A 57 -14.85 2.01 -10.50
N PHE A 58 -13.54 2.21 -10.64
CA PHE A 58 -12.55 1.30 -10.04
C PHE A 58 -12.14 1.69 -8.59
N ASP A 59 -12.75 2.75 -8.05
CA ASP A 59 -12.45 3.24 -6.70
C ASP A 59 -13.69 3.06 -5.80
N TRP A 60 -13.45 2.88 -4.50
CA TRP A 60 -14.51 2.96 -3.48
C TRP A 60 -14.99 4.40 -3.22
N ASN A 61 -14.22 5.39 -3.71
CA ASN A 61 -14.55 6.82 -3.60
C ASN A 61 -14.61 7.36 -2.17
N TYR A 62 -13.86 6.73 -1.28
CA TYR A 62 -13.67 7.22 0.08
C TYR A 62 -12.89 8.50 0.16
N THR A 63 -13.08 9.24 1.25
CA THR A 63 -12.32 10.46 1.54
C THR A 63 -11.95 10.39 3.02
N THR A 64 -11.10 11.29 3.49
CA THR A 64 -10.86 11.38 4.92
C THR A 64 -11.86 12.39 5.50
N THR A 65 -12.04 12.36 6.81
CA THR A 65 -12.58 13.55 7.51
C THR A 65 -11.64 14.76 7.33
N ALA A 66 -12.12 15.97 7.66
CA ALA A 66 -11.30 17.16 7.58
C ALA A 66 -10.13 17.03 8.58
N GLN A 67 -8.92 17.28 8.07
CA GLN A 67 -7.68 17.15 8.86
C GLN A 67 -7.20 18.51 9.35
N ALA A 68 -7.23 18.73 10.67
CA ALA A 68 -6.76 19.99 11.25
C ALA A 68 -5.26 20.22 10.93
N GLY A 69 -4.48 19.14 10.97
CA GLY A 69 -3.07 19.12 10.51
C GLY A 69 -2.87 19.63 9.09
N TYR A 70 -3.92 19.52 8.26
CA TYR A 70 -3.85 19.96 6.86
C TYR A 70 -4.64 21.24 6.62
N ASN A 71 -4.73 22.10 7.65
CA ASN A 71 -5.53 23.35 7.61
C ASN A 71 -7.00 23.12 7.24
N GLY A 72 -7.59 22.09 7.83
CA GLY A 72 -8.99 21.76 7.56
C GLY A 72 -9.30 20.99 6.27
N ARG A 73 -8.28 20.72 5.43
CA ARG A 73 -8.50 19.97 4.20
C ARG A 73 -8.92 18.52 4.46
N SER A 74 -9.89 18.09 3.66
CA SER A 74 -10.26 16.69 3.55
C SER A 74 -9.65 16.15 2.22
N ILE A 75 -9.15 14.91 2.21
CA ILE A 75 -8.45 14.41 0.99
C ILE A 75 -9.10 13.12 0.48
N ALA A 76 -8.93 12.87 -0.82
CA ALA A 76 -9.34 11.61 -1.42
C ALA A 76 -8.60 10.45 -0.73
N TYR A 77 -9.28 9.32 -0.58
CA TYR A 77 -8.65 8.15 0.00
C TYR A 77 -8.84 6.94 -0.91
N PRO A 78 -8.15 6.94 -2.05
CA PRO A 78 -8.46 5.89 -3.02
C PRO A 78 -8.12 4.47 -2.53
N ARG A 79 -8.91 3.52 -3.00
CA ARG A 79 -8.88 2.11 -2.63
C ARG A 79 -9.39 1.37 -3.86
N GLY A 80 -8.69 0.33 -4.31
CA GLY A 80 -9.13 -0.43 -5.48
C GLY A 80 -10.44 -1.19 -5.24
N ARG A 81 -11.35 -1.11 -6.21
CA ARG A 81 -12.64 -1.81 -6.18
C ARG A 81 -12.84 -2.65 -7.44
N MET A 82 -12.23 -3.82 -7.46
CA MET A 82 -12.09 -4.64 -8.67
C MET A 82 -11.29 -5.87 -8.31
N LEU A 83 -11.29 -6.87 -9.18
CA LEU A 83 -10.40 -8.03 -9.06
C LEU A 83 -8.95 -7.54 -8.96
N GLY A 84 -8.23 -8.08 -7.96
CA GLY A 84 -6.88 -7.61 -7.65
C GLY A 84 -6.83 -6.53 -6.55
N GLY A 85 -7.98 -5.95 -6.24
CA GLY A 85 -8.05 -4.90 -5.22
C GLY A 85 -7.15 -3.74 -5.56
N SER A 86 -6.48 -3.20 -4.53
CA SER A 86 -5.52 -2.12 -4.74
C SER A 86 -4.27 -2.53 -5.55
N SER A 87 -4.01 -3.85 -5.68
CA SER A 87 -2.93 -4.30 -6.56
C SER A 87 -3.24 -4.12 -8.05
N SER A 88 -4.51 -3.80 -8.38
CA SER A 88 -4.88 -3.48 -9.76
C SER A 88 -4.82 -1.99 -10.04
N VAL A 89 -4.72 -1.17 -9.00
CA VAL A 89 -4.66 0.29 -9.16
C VAL A 89 -3.35 0.91 -8.63
N HIS A 90 -2.52 0.11 -7.95
CA HIS A 90 -1.31 0.70 -7.32
C HIS A 90 -0.18 1.05 -8.32
N TYR A 91 0.92 1.62 -7.82
CA TYR A 91 2.00 2.06 -8.70
C TYR A 91 3.11 1.02 -8.80
N MET A 92 2.81 -0.20 -8.32
CA MET A 92 3.62 -1.40 -8.58
C MET A 92 5.00 -1.48 -7.86
N VAL A 93 5.40 -0.45 -7.13
CA VAL A 93 6.68 -0.49 -6.41
C VAL A 93 6.68 -1.67 -5.40
N MET A 94 7.78 -2.44 -5.38
CA MET A 94 7.92 -3.64 -4.57
C MET A 94 9.18 -3.58 -3.68
N MET A 95 8.96 -3.64 -2.37
CA MET A 95 9.97 -3.98 -1.35
C MET A 95 9.24 -4.56 -0.12
N ARG A 96 9.99 -5.27 0.74
CA ARG A 96 9.40 -6.03 1.81
C ARG A 96 9.37 -5.36 3.17
N GLY A 97 10.22 -4.36 3.38
CA GLY A 97 10.39 -3.76 4.70
C GLY A 97 11.78 -4.00 5.27
N SER A 98 12.04 -3.42 6.42
CA SER A 98 13.29 -3.62 7.12
C SER A 98 13.24 -4.87 7.98
N THR A 99 14.43 -5.41 8.31
CA THR A 99 14.51 -6.56 9.21
C THR A 99 13.90 -6.15 10.56
N GLU A 100 14.07 -4.88 10.94
CA GLU A 100 13.53 -4.34 12.19
C GLU A 100 11.99 -4.31 12.19
N ASP A 101 11.36 -4.07 11.03
CA ASP A 101 9.88 -4.10 10.90
C ASP A 101 9.37 -5.46 11.37
N PHE A 102 9.93 -6.52 10.80
CA PHE A 102 9.44 -7.86 11.03
C PHE A 102 9.83 -8.43 12.39
N ASP A 103 11.03 -8.08 12.85
CA ASP A 103 11.45 -8.44 14.19
C ASP A 103 10.55 -7.74 15.22
N ARG A 104 10.17 -6.47 14.97
CA ARG A 104 9.22 -5.80 15.88
C ARG A 104 7.83 -6.46 15.82
N TYR A 105 7.39 -6.92 14.64
CA TYR A 105 6.14 -7.68 14.52
C TYR A 105 6.17 -8.97 15.33
N ALA A 106 7.32 -9.65 15.29
CA ALA A 106 7.52 -10.88 16.08
C ALA A 106 7.54 -10.59 17.58
N ALA A 107 8.24 -9.53 17.98
CA ALA A 107 8.37 -9.14 19.40
C ALA A 107 7.01 -8.76 20.00
N VAL A 108 6.27 -7.94 19.27
CA VAL A 108 4.98 -7.39 19.68
C VAL A 108 3.87 -8.47 19.74
N THR A 109 4.01 -9.55 18.98
CA THR A 109 3.04 -10.63 19.00
C THR A 109 3.48 -11.87 19.81
N GLY A 110 4.75 -11.91 20.20
CA GLY A 110 5.35 -13.13 20.77
C GLY A 110 5.45 -14.28 19.78
N ASP A 111 5.34 -14.00 18.48
CA ASP A 111 5.38 -15.07 17.46
C ASP A 111 6.54 -14.87 16.48
N GLU A 112 7.56 -15.70 16.66
CA GLU A 112 8.79 -15.68 15.86
C GLU A 112 8.53 -16.05 14.40
N GLY A 113 7.38 -16.64 14.08
CA GLY A 113 6.97 -16.96 12.70
C GLY A 113 6.80 -15.71 11.80
N TRP A 114 6.55 -14.55 12.42
CA TRP A 114 6.75 -13.25 11.79
C TRP A 114 8.28 -13.07 11.92
N ASN A 115 8.88 -11.91 11.97
CA ASN A 115 10.41 -11.93 12.08
C ASN A 115 11.07 -12.15 10.75
N TRP A 116 12.11 -11.38 10.53
CA TRP A 116 12.73 -11.26 9.24
C TRP A 116 13.17 -12.60 8.67
N ASP A 117 13.92 -13.40 9.44
CA ASP A 117 14.47 -14.67 8.92
C ASP A 117 13.37 -15.60 8.48
N ASN A 118 12.32 -15.71 9.29
CA ASN A 118 11.27 -16.71 9.03
C ASN A 118 10.30 -16.28 7.91
N ILE A 119 10.29 -14.99 7.58
CA ILE A 119 9.43 -14.49 6.50
C ILE A 119 10.02 -14.64 5.08
N GLN A 120 11.34 -14.88 4.99
CA GLN A 120 12.06 -14.90 3.69
C GLN A 120 11.57 -15.98 2.76
N GLN A 121 11.16 -17.12 3.33
CA GLN A 121 10.62 -18.22 2.55
C GLN A 121 9.42 -17.77 1.69
N PHE A 122 8.68 -16.78 2.19
CA PHE A 122 7.47 -16.31 1.51
C PHE A 122 7.77 -15.30 0.38
N VAL A 123 8.88 -14.56 0.50
CA VAL A 123 9.41 -13.74 -0.60
C VAL A 123 9.64 -14.65 -1.80
N ARG A 124 10.30 -15.78 -1.56
CA ARG A 124 10.60 -16.74 -2.60
C ARG A 124 9.35 -17.37 -3.21
N LYS A 125 8.31 -17.62 -2.39
CA LYS A 125 7.02 -18.12 -2.91
C LYS A 125 6.28 -17.04 -3.73
N ASN A 126 6.46 -15.77 -3.35
CA ASN A 126 5.65 -14.67 -3.86
C ASN A 126 6.13 -14.06 -5.19
N GLU A 127 7.44 -14.08 -5.45
CA GLU A 127 8.02 -13.30 -6.55
C GLU A 127 9.01 -14.07 -7.45
N MET A 128 9.10 -13.64 -8.71
CA MET A 128 10.17 -14.02 -9.64
C MET A 128 10.66 -12.80 -10.42
N VAL A 129 11.98 -12.59 -10.43
CA VAL A 129 12.58 -11.51 -11.20
C VAL A 129 12.58 -11.89 -12.67
N VAL A 130 12.03 -11.00 -13.50
CA VAL A 130 11.96 -11.18 -14.95
C VAL A 130 12.65 -9.97 -15.59
N PRO A 131 12.94 -10.02 -16.92
CA PRO A 131 13.64 -8.87 -17.51
C PRO A 131 12.82 -7.55 -17.51
N PRO A 132 13.50 -6.41 -17.38
CA PRO A 132 12.81 -5.13 -17.60
C PRO A 132 12.42 -5.00 -19.09
N ALA A 133 11.40 -4.16 -19.36
CA ALA A 133 10.80 -4.10 -20.68
C ALA A 133 11.82 -3.70 -21.76
N ASP A 134 12.70 -2.74 -21.44
CA ASP A 134 13.77 -2.27 -22.37
C ASP A 134 14.95 -3.23 -22.43
N ASN A 135 14.90 -4.29 -21.61
CA ASN A 135 15.93 -5.32 -21.57
C ASN A 135 17.34 -4.78 -21.27
N HIS A 136 17.42 -3.70 -20.50
CA HIS A 136 18.71 -3.15 -20.11
C HIS A 136 19.45 -4.12 -19.15
N ASN A 137 20.75 -3.89 -18.99
CA ASN A 137 21.59 -4.72 -18.15
C ASN A 137 21.36 -4.31 -16.68
N THR A 138 20.83 -5.25 -15.89
CA THR A 138 20.46 -4.94 -14.50
C THR A 138 21.57 -5.20 -13.48
N SER A 139 22.74 -5.59 -13.96
CA SER A 139 23.93 -5.81 -13.12
C SER A 139 24.17 -4.63 -12.20
N GLY A 140 24.24 -4.88 -10.89
CA GLY A 140 24.49 -3.82 -9.91
C GLY A 140 23.27 -2.97 -9.52
N GLU A 141 22.08 -3.30 -10.01
CA GLU A 141 20.85 -2.57 -9.67
C GLU A 141 20.05 -3.23 -8.53
N PHE A 142 20.30 -4.52 -8.32
CA PHE A 142 19.70 -5.31 -7.25
C PHE A 142 20.64 -6.47 -6.95
N ILE A 143 20.32 -7.25 -5.92
CA ILE A 143 21.04 -8.47 -5.59
C ILE A 143 20.13 -9.66 -5.88
N PRO A 144 20.41 -10.41 -6.97
CA PRO A 144 19.55 -11.56 -7.29
C PRO A 144 19.28 -12.54 -6.16
N ALA A 145 20.27 -12.81 -5.30
CA ALA A 145 20.17 -13.85 -4.26
C ALA A 145 19.10 -13.56 -3.18
N VAL A 146 18.80 -12.28 -2.95
CA VAL A 146 17.79 -11.88 -1.94
C VAL A 146 16.35 -11.83 -2.50
N HIS A 147 16.20 -12.14 -3.80
CA HIS A 147 14.91 -12.08 -4.47
C HIS A 147 14.49 -13.44 -4.98
N GLY A 148 13.19 -13.63 -5.21
CA GLY A 148 12.72 -14.90 -5.73
C GLY A 148 13.06 -15.08 -7.20
N THR A 149 13.03 -16.33 -7.66
CA THR A 149 13.35 -16.70 -9.05
C THR A 149 12.19 -17.47 -9.69
N ASN A 150 11.28 -17.96 -8.84
CA ASN A 150 10.24 -18.93 -9.17
C ASN A 150 8.82 -18.58 -8.74
N GLY A 151 8.66 -17.50 -7.97
CA GLY A 151 7.38 -17.20 -7.32
C GLY A 151 6.31 -16.67 -8.27
N SER A 152 5.15 -16.35 -7.70
CA SER A 152 3.95 -16.05 -8.52
C SER A 152 3.97 -14.71 -9.24
N VAL A 153 4.33 -13.65 -8.52
CA VAL A 153 4.29 -12.27 -9.03
C VAL A 153 5.58 -11.97 -9.81
N SER A 154 5.44 -11.41 -11.01
CA SER A 154 6.58 -10.96 -11.81
C SER A 154 7.08 -9.62 -11.29
N ILE A 155 8.38 -9.54 -11.01
CA ILE A 155 9.01 -8.27 -10.64
C ILE A 155 10.20 -7.95 -11.56
N SER A 156 10.47 -6.67 -11.75
CA SER A 156 11.57 -6.27 -12.62
C SER A 156 12.06 -4.89 -12.27
N LEU A 157 13.27 -4.61 -12.73
CA LEU A 157 13.87 -3.28 -12.67
C LEU A 157 13.14 -2.33 -13.64
N PRO A 158 13.35 -1.01 -13.51
CA PRO A 158 12.57 -0.08 -14.32
C PRO A 158 12.69 -0.37 -15.83
N GLY A 159 11.57 -0.41 -16.52
CA GLY A 159 11.55 -0.83 -17.93
C GLY A 159 11.83 0.26 -18.96
N PHE A 160 11.98 1.49 -18.50
CA PHE A 160 12.22 2.65 -19.37
C PHE A 160 13.06 3.66 -18.60
N PRO A 161 14.15 4.15 -19.22
CA PRO A 161 15.05 5.07 -18.51
C PRO A 161 14.47 6.49 -18.48
N THR A 162 14.97 7.31 -17.56
CA THR A 162 14.61 8.72 -17.50
C THR A 162 15.91 9.54 -17.41
N PRO A 163 15.84 10.86 -17.76
CA PRO A 163 17.03 11.74 -17.61
C PRO A 163 17.41 11.95 -16.14
N LEU A 164 16.55 11.49 -15.23
CA LEU A 164 16.82 11.58 -13.78
C LEU A 164 17.83 10.54 -13.30
N ASP A 165 17.84 9.38 -13.95
CA ASP A 165 18.58 8.20 -13.46
C ASP A 165 20.09 8.49 -13.23
N ASP A 166 20.80 8.99 -14.24
CA ASP A 166 22.24 9.28 -14.11
C ASP A 166 22.54 10.35 -13.10
N ARG A 167 21.65 11.35 -13.03
CA ARG A 167 21.77 12.44 -12.05
C ARG A 167 21.52 12.03 -10.60
N VAL A 168 20.62 11.06 -10.38
CA VAL A 168 20.40 10.51 -9.04
C VAL A 168 21.67 9.71 -8.67
N LEU A 169 22.12 8.83 -9.57
CA LEU A 169 23.36 8.07 -9.37
C LEU A 169 24.58 8.98 -9.07
N ALA A 170 24.78 10.05 -9.86
CA ALA A 170 25.85 10.99 -9.59
C ALA A 170 25.74 11.67 -8.23
N THR A 171 24.50 11.91 -7.78
CA THR A 171 24.29 12.53 -6.47
C THR A 171 24.68 11.58 -5.33
N THR A 172 24.54 10.27 -5.53
CA THR A 172 25.01 9.28 -4.53
C THR A 172 26.53 9.29 -4.35
N GLN A 173 27.27 9.78 -5.36
CA GLN A 173 28.74 9.92 -5.28
C GLN A 173 29.12 11.30 -4.76
N GLU A 174 28.52 12.33 -5.35
CA GLU A 174 28.77 13.71 -4.96
C GLU A 174 28.33 14.03 -3.53
N GLN A 175 27.27 13.40 -3.05
CA GLN A 175 26.74 13.72 -1.72
C GLN A 175 26.57 12.43 -0.94
N SER A 176 27.65 11.66 -0.86
CA SER A 176 27.60 10.29 -0.37
C SER A 176 27.36 10.16 1.13
N GLU A 177 27.67 11.20 1.90
CA GLU A 177 27.42 11.19 3.36
C GLU A 177 25.91 11.13 3.66
N GLU A 178 25.14 11.96 2.97
CA GLU A 178 23.68 11.99 3.13
C GLU A 178 22.93 10.99 2.22
N PHE A 179 23.40 10.83 0.98
CA PHE A 179 22.61 10.14 -0.03
C PHE A 179 23.30 8.94 -0.66
N PHE A 180 23.84 8.06 0.17
CA PHE A 180 24.61 6.89 -0.28
C PHE A 180 23.73 5.90 -1.05
N PHE A 181 24.36 5.14 -1.93
CA PHE A 181 23.72 4.12 -2.73
C PHE A 181 23.44 2.86 -1.91
N ASN A 182 22.27 2.24 -2.15
CA ASN A 182 21.88 1.00 -1.52
C ASN A 182 21.67 0.00 -2.65
N PRO A 183 22.41 -1.14 -2.62
CA PRO A 183 22.35 -2.11 -3.70
C PRO A 183 20.98 -2.79 -3.85
N ASP A 184 20.25 -2.95 -2.73
CA ASP A 184 18.99 -3.69 -2.73
C ASP A 184 18.31 -3.58 -1.36
N MET A 185 17.07 -3.13 -1.34
CA MET A 185 16.27 -3.06 -0.11
C MET A 185 15.92 -4.43 0.44
N GLY A 186 15.96 -5.44 -0.43
CA GLY A 186 15.73 -6.83 -0.05
C GLY A 186 16.71 -7.40 0.99
N THR A 187 17.76 -6.65 1.30
CA THR A 187 18.67 -7.02 2.38
C THR A 187 17.99 -6.83 3.75
N GLY A 188 16.93 -6.01 3.79
CA GLY A 188 16.26 -5.65 5.03
C GLY A 188 16.87 -4.43 5.63
N HIS A 189 17.75 -3.79 4.87
CA HIS A 189 18.39 -2.55 5.27
C HIS A 189 17.98 -1.49 4.26
N PRO A 190 16.97 -0.67 4.60
CA PRO A 190 16.31 0.17 3.60
C PRO A 190 17.09 1.43 3.25
N LEU A 191 17.92 1.91 4.18
CA LEU A 191 18.49 3.25 4.07
C LEU A 191 19.36 3.44 2.83
N GLY A 192 19.29 4.64 2.27
CA GLY A 192 20.03 4.98 1.07
C GLY A 192 19.17 5.03 -0.17
N ILE A 193 19.85 5.21 -1.30
CA ILE A 193 19.23 5.36 -2.60
C ILE A 193 19.34 4.08 -3.41
N SER A 194 18.18 3.50 -3.76
CA SER A 194 18.15 2.25 -4.50
C SER A 194 17.36 2.41 -5.78
N TRP A 195 17.63 1.54 -6.74
CA TRP A 195 16.80 1.40 -7.92
C TRP A 195 15.45 0.80 -7.51
N SER A 196 14.36 1.39 -8.02
CA SER A 196 13.01 0.81 -7.88
C SER A 196 12.94 -0.58 -8.47
N ILE A 197 12.25 -1.48 -7.78
CA ILE A 197 11.84 -2.76 -8.34
C ILE A 197 10.30 -2.74 -8.31
N ALA A 198 9.67 -3.29 -9.35
CA ALA A 198 8.22 -3.18 -9.51
C ALA A 198 7.59 -4.46 -10.00
N SER A 199 6.34 -4.67 -9.58
CA SER A 199 5.53 -5.81 -10.00
C SER A 199 5.02 -5.60 -11.44
N VAL A 200 5.98 -5.69 -12.37
CA VAL A 200 5.78 -5.53 -13.82
C VAL A 200 6.50 -6.69 -14.52
N GLY A 201 5.82 -7.33 -15.45
CA GLY A 201 6.39 -8.43 -16.23
C GLY A 201 5.97 -8.25 -17.67
N ASN A 202 6.90 -8.49 -18.59
CA ASN A 202 6.65 -8.29 -20.02
C ASN A 202 5.95 -6.91 -20.25
N GLY A 203 6.50 -5.87 -19.61
CA GLY A 203 5.99 -4.50 -19.75
C GLY A 203 4.56 -4.24 -19.27
N GLN A 204 3.97 -5.16 -18.52
CA GLN A 204 2.68 -4.90 -17.94
C GLN A 204 2.53 -5.26 -16.46
N ARG A 205 1.51 -4.66 -15.81
CA ARG A 205 1.24 -4.90 -14.40
C ARG A 205 1.15 -6.39 -14.09
N SER A 206 1.84 -6.78 -13.02
CA SER A 206 1.64 -8.09 -12.41
C SER A 206 0.93 -7.82 -11.08
N SER A 207 -0.37 -8.15 -11.03
CA SER A 207 -1.23 -7.86 -9.87
C SER A 207 -1.54 -9.18 -9.19
N SER A 208 -2.24 -9.13 -8.05
CA SER A 208 -2.63 -10.38 -7.38
C SER A 208 -3.63 -11.21 -8.20
N SER A 209 -4.48 -10.56 -8.99
CA SER A 209 -5.38 -11.32 -9.90
C SER A 209 -4.65 -11.95 -11.08
N THR A 210 -3.77 -11.20 -11.76
CA THR A 210 -2.99 -11.77 -12.87
C THR A 210 -2.05 -12.88 -12.37
N ALA A 211 -1.42 -12.66 -11.21
CA ALA A 211 -0.45 -13.62 -10.69
C ALA A 211 -1.07 -14.86 -10.04
N TYR A 212 -2.17 -14.68 -9.30
CA TYR A 212 -2.77 -15.81 -8.54
C TYR A 212 -4.09 -16.33 -9.08
N LEU A 213 -5.07 -15.44 -9.32
CA LEU A 213 -6.41 -15.84 -9.76
C LEU A 213 -6.49 -16.37 -11.18
N ARG A 214 -5.96 -15.64 -12.15
CA ARG A 214 -5.98 -16.10 -13.55
C ARG A 214 -5.40 -17.51 -13.82
N PRO A 215 -4.17 -17.82 -13.33
CA PRO A 215 -3.65 -19.19 -13.55
C PRO A 215 -4.48 -20.29 -12.89
N ALA A 216 -5.28 -19.91 -11.88
CA ALA A 216 -6.09 -20.83 -11.12
C ALA A 216 -7.56 -20.84 -11.58
N GLN A 217 -7.85 -20.22 -12.74
CA GLN A 217 -9.25 -20.01 -13.14
C GLN A 217 -9.96 -21.30 -13.57
N SER A 218 -9.22 -22.24 -14.13
CA SER A 218 -9.82 -23.50 -14.53
C SER A 218 -9.94 -24.52 -13.37
N ARG A 219 -9.63 -24.14 -12.14
CA ARG A 219 -9.84 -25.05 -10.99
C ARG A 219 -11.33 -25.17 -10.61
N PRO A 220 -11.89 -26.41 -10.63
CA PRO A 220 -13.30 -26.59 -10.23
C PRO A 220 -13.60 -26.28 -8.75
N ASN A 221 -12.58 -26.31 -7.89
CA ASN A 221 -12.75 -26.00 -6.45
C ASN A 221 -12.58 -24.52 -6.09
N LEU A 222 -12.43 -23.66 -7.10
CA LEU A 222 -12.38 -22.22 -6.86
C LEU A 222 -13.52 -21.49 -7.58
N SER A 223 -14.29 -20.69 -6.85
CA SER A 223 -15.27 -19.79 -7.48
C SER A 223 -15.00 -18.37 -7.10
N VAL A 224 -15.08 -17.50 -8.09
CA VAL A 224 -14.90 -16.08 -7.88
C VAL A 224 -16.16 -15.35 -8.33
N LEU A 225 -16.75 -14.58 -7.43
CA LEU A 225 -17.91 -13.74 -7.80
C LEU A 225 -17.57 -12.27 -7.68
N ILE A 226 -17.79 -11.55 -8.77
CA ILE A 226 -17.67 -10.10 -8.80
C ILE A 226 -19.04 -9.47 -8.55
N ASN A 227 -19.06 -8.15 -8.40
CA ASN A 227 -20.29 -7.42 -8.07
C ASN A 227 -21.00 -8.07 -6.88
N ALA A 228 -20.23 -8.44 -5.86
CA ALA A 228 -20.76 -9.11 -4.67
C ALA A 228 -20.16 -8.47 -3.43
N GLN A 229 -20.82 -7.43 -2.92
CA GLN A 229 -20.38 -6.75 -1.72
C GLN A 229 -20.94 -7.43 -0.46
N VAL A 230 -20.06 -7.94 0.40
CA VAL A 230 -20.45 -8.52 1.70
C VAL A 230 -20.92 -7.41 2.63
N THR A 231 -22.17 -7.52 3.07
CA THR A 231 -22.78 -6.45 3.84
C THR A 231 -22.87 -6.76 5.34
N LYS A 232 -22.75 -8.03 5.70
CA LYS A 232 -22.80 -8.45 7.08
C LYS A 232 -22.11 -9.78 7.24
N LEU A 233 -21.31 -9.89 8.30
CA LEU A 233 -20.83 -11.19 8.81
C LEU A 233 -21.87 -11.67 9.84
N VAL A 234 -22.31 -12.92 9.70
CA VAL A 234 -23.48 -13.43 10.41
C VAL A 234 -23.03 -14.38 11.51
N ASN A 235 -23.41 -14.03 12.74
CA ASN A 235 -23.22 -14.88 13.92
C ASN A 235 -24.06 -16.16 13.76
N SER A 236 -23.37 -17.25 13.45
CA SER A 236 -23.96 -18.52 13.01
C SER A 236 -23.93 -19.61 14.09
N GLY A 237 -23.91 -19.21 15.36
CA GLY A 237 -23.95 -20.16 16.47
C GLY A 237 -22.86 -19.97 17.52
N THR A 238 -22.50 -21.07 18.18
CA THR A 238 -21.47 -21.10 19.23
C THR A 238 -20.65 -22.39 19.11
N THR A 239 -19.46 -22.27 18.51
CA THR A 239 -18.44 -23.35 18.56
C THR A 239 -17.28 -22.87 19.42
N ASN A 240 -16.71 -23.79 20.21
CA ASN A 240 -15.62 -23.52 21.17
C ASN A 240 -15.98 -22.51 22.28
N GLY A 241 -17.27 -22.46 22.64
CA GLY A 241 -17.80 -21.51 23.65
C GLY A 241 -17.79 -20.02 23.25
N LEU A 242 -17.38 -19.71 22.01
CA LEU A 242 -17.33 -18.33 21.49
C LEU A 242 -18.37 -18.13 20.37
N PRO A 243 -18.85 -16.88 20.15
CA PRO A 243 -19.71 -16.65 18.99
C PRO A 243 -19.02 -17.01 17.66
N ALA A 244 -19.67 -17.84 16.84
CA ALA A 244 -19.15 -18.28 15.54
C ALA A 244 -19.64 -17.37 14.38
N PHE A 245 -18.75 -17.05 13.43
CA PHE A 245 -19.09 -16.20 12.27
C PHE A 245 -18.65 -16.86 10.97
N ARG A 246 -19.40 -17.88 10.55
CA ARG A 246 -19.09 -18.68 9.36
C ARG A 246 -20.04 -18.44 8.19
N CYS A 247 -20.94 -17.45 8.34
CA CYS A 247 -21.92 -17.13 7.30
C CYS A 247 -21.80 -15.67 6.94
N VAL A 248 -22.02 -15.36 5.67
CA VAL A 248 -22.05 -13.98 5.22
C VAL A 248 -23.30 -13.66 4.40
N GLU A 249 -23.66 -12.38 4.41
CA GLU A 249 -24.66 -11.84 3.52
C GLU A 249 -23.95 -10.90 2.56
N TYR A 250 -24.29 -11.04 1.27
CA TYR A 250 -23.78 -10.16 0.23
C TYR A 250 -24.85 -9.71 -0.75
N ALA A 251 -24.60 -8.58 -1.40
CA ALA A 251 -25.52 -8.02 -2.38
C ALA A 251 -24.71 -7.37 -3.49
N GLU A 252 -25.35 -7.23 -4.64
CA GLU A 252 -24.78 -6.56 -5.81
C GLU A 252 -24.58 -5.05 -5.64
N GLN A 253 -25.51 -4.42 -4.93
CA GLN A 253 -25.55 -2.96 -4.79
C GLN A 253 -26.60 -2.60 -3.75
N GLU A 254 -26.63 -1.32 -3.36
CA GLU A 254 -27.62 -0.84 -2.40
C GLU A 254 -29.04 -1.15 -2.86
N GLY A 255 -29.86 -1.66 -1.94
CA GLY A 255 -31.28 -1.95 -2.19
C GLY A 255 -31.56 -3.30 -2.83
N ALA A 256 -30.51 -3.97 -3.31
CA ALA A 256 -30.66 -5.27 -3.90
C ALA A 256 -30.86 -6.33 -2.81
N PRO A 257 -31.49 -7.48 -3.15
CA PRO A 257 -31.69 -8.53 -2.15
C PRO A 257 -30.35 -9.15 -1.74
N THR A 258 -30.26 -9.60 -0.50
CA THR A 258 -29.04 -10.18 0.02
C THR A 258 -29.08 -11.70 -0.14
N THR A 259 -27.98 -12.27 -0.63
CA THR A 259 -27.76 -13.72 -0.70
C THR A 259 -27.01 -14.13 0.59
N THR A 260 -27.32 -15.31 1.13
CA THR A 260 -26.56 -15.90 2.27
C THR A 260 -25.72 -17.07 1.78
N VAL A 261 -24.45 -17.10 2.21
CA VAL A 261 -23.59 -18.30 2.06
C VAL A 261 -22.80 -18.55 3.34
N CYS A 262 -22.45 -19.81 3.53
CA CYS A 262 -21.71 -20.25 4.71
C CYS A 262 -20.46 -20.99 4.30
N ALA A 263 -19.41 -20.84 5.11
CA ALA A 263 -18.19 -21.64 4.96
C ALA A 263 -18.24 -22.81 5.94
N LYS A 264 -17.85 -24.00 5.48
CA LYS A 264 -17.70 -25.13 6.40
C LYS A 264 -16.59 -24.85 7.45
N LYS A 265 -15.40 -24.42 6.99
CA LYS A 265 -14.25 -24.16 7.88
C LYS A 265 -14.14 -22.71 8.40
N GLU A 266 -13.81 -21.75 7.53
CA GLU A 266 -13.59 -20.35 7.99
C GLU A 266 -14.03 -19.31 6.96
N VAL A 267 -14.41 -18.15 7.46
CA VAL A 267 -14.55 -16.96 6.64
C VAL A 267 -13.24 -16.21 6.78
N VAL A 268 -12.63 -15.88 5.64
CA VAL A 268 -11.38 -15.10 5.62
C VAL A 268 -11.68 -13.69 5.15
N LEU A 269 -11.49 -12.70 6.03
CA LEU A 269 -11.60 -11.29 5.68
C LEU A 269 -10.31 -10.75 5.07
N SER A 270 -10.41 -10.31 3.82
CA SER A 270 -9.32 -9.70 3.10
C SER A 270 -9.80 -8.43 2.45
N ALA A 271 -10.58 -7.67 3.22
CA ALA A 271 -11.25 -6.49 2.69
C ALA A 271 -10.34 -5.26 2.80
N GLY A 272 -9.17 -5.45 3.40
CA GLY A 272 -8.17 -4.40 3.51
C GLY A 272 -8.38 -3.47 4.70
N SER A 273 -7.45 -2.55 4.88
CA SER A 273 -7.35 -1.73 6.08
C SER A 273 -8.52 -0.79 6.33
N VAL A 274 -9.26 -0.46 5.26
CA VAL A 274 -10.49 0.32 5.37
C VAL A 274 -11.66 -0.66 5.43
N GLY A 275 -11.73 -1.60 4.49
CA GLY A 275 -12.87 -2.51 4.31
C GLY A 275 -13.11 -3.50 5.46
N THR A 276 -12.02 -3.95 6.07
CA THR A 276 -12.10 -4.96 7.13
C THR A 276 -12.71 -4.41 8.44
N PRO A 277 -12.13 -3.31 9.01
CA PRO A 277 -12.74 -2.85 10.25
C PRO A 277 -14.22 -2.41 10.09
N ILE A 278 -14.56 -1.75 8.97
CA ILE A 278 -15.93 -1.28 8.79
C ILE A 278 -16.94 -2.42 8.70
N LEU A 279 -16.55 -3.52 8.06
CA LEU A 279 -17.44 -4.67 7.93
C LEU A 279 -17.64 -5.34 9.30
N LEU A 280 -16.56 -5.38 10.09
CA LEU A 280 -16.60 -5.88 11.47
C LEU A 280 -17.61 -5.08 12.31
N GLN A 281 -17.47 -3.75 12.26
CA GLN A 281 -18.34 -2.80 12.96
C GLN A 281 -19.82 -2.95 12.52
N LEU A 282 -20.04 -3.12 11.21
CA LEU A 282 -21.37 -3.39 10.66
C LEU A 282 -21.93 -4.73 11.13
N SER A 283 -21.06 -5.66 11.53
CA SER A 283 -21.49 -6.97 12.00
C SER A 283 -21.60 -7.06 13.53
N GLY A 284 -21.44 -5.94 14.23
CA GLY A 284 -21.43 -5.95 15.70
C GLY A 284 -20.13 -6.38 16.39
N ILE A 285 -18.98 -6.27 15.70
CA ILE A 285 -17.66 -6.50 16.30
C ILE A 285 -16.92 -5.16 16.32
N GLY A 286 -16.79 -4.55 17.50
CA GLY A 286 -16.23 -3.22 17.59
C GLY A 286 -16.49 -2.52 18.89
N ASP A 287 -16.31 -1.20 18.87
CA ASP A 287 -16.51 -0.35 20.04
C ASP A 287 -18.02 -0.20 20.34
N GLU A 288 -18.43 -0.75 21.49
CA GLU A 288 -19.83 -0.74 21.94
C GLU A 288 -20.47 0.63 21.83
N ASN A 289 -19.82 1.65 22.39
CA ASN A 289 -20.33 3.00 22.35
C ASN A 289 -20.51 3.54 20.94
N ASP A 290 -19.51 3.32 20.09
CA ASP A 290 -19.60 3.82 18.71
C ASP A 290 -20.68 3.07 17.94
N LEU A 291 -20.82 1.77 18.18
CA LEU A 291 -21.79 0.96 17.48
C LEU A 291 -23.22 1.38 17.84
N SER A 292 -23.51 1.53 19.14
CA SER A 292 -24.86 1.87 19.55
C SER A 292 -25.22 3.31 19.14
N SER A 293 -24.22 4.20 19.06
CA SER A 293 -24.48 5.57 18.57
C SER A 293 -25.01 5.63 17.10
N VAL A 294 -24.87 4.52 16.37
CA VAL A 294 -25.33 4.45 14.95
C VAL A 294 -26.40 3.36 14.76
N GLY A 295 -26.76 2.71 15.87
CA GLY A 295 -27.91 1.80 15.94
C GLY A 295 -27.57 0.34 15.81
N ILE A 296 -26.33 -0.01 16.15
CA ILE A 296 -25.89 -1.40 15.99
C ILE A 296 -25.73 -2.02 17.36
N ASP A 297 -26.21 -3.24 17.48
CA ASP A 297 -26.03 -4.05 18.67
C ASP A 297 -24.68 -4.74 18.62
N THR A 298 -23.92 -4.56 19.69
CA THR A 298 -22.60 -5.16 19.85
C THR A 298 -22.73 -6.62 20.24
N ILE A 299 -22.14 -7.49 19.43
CA ILE A 299 -22.03 -8.91 19.74
C ILE A 299 -20.65 -9.22 20.38
N VAL A 300 -19.59 -8.52 19.93
CA VAL A 300 -18.23 -8.63 20.52
C VAL A 300 -17.69 -7.21 20.71
N ASN A 301 -17.52 -6.83 21.98
CA ASN A 301 -17.01 -5.50 22.32
C ASN A 301 -15.48 -5.52 22.18
N ASN A 302 -14.97 -4.79 21.19
CA ASN A 302 -13.53 -4.63 21.02
C ASN A 302 -13.27 -3.25 20.45
N PRO A 303 -12.85 -2.31 21.34
CA PRO A 303 -12.61 -0.93 20.89
C PRO A 303 -11.38 -0.79 19.97
N SER A 304 -10.60 -1.86 19.79
CA SER A 304 -9.46 -1.81 18.87
C SER A 304 -9.87 -1.85 17.38
N VAL A 305 -11.09 -2.33 17.08
CA VAL A 305 -11.59 -2.37 15.71
C VAL A 305 -11.58 -0.98 15.10
N GLY A 306 -10.78 -0.82 14.04
CA GLY A 306 -10.68 0.45 13.33
C GLY A 306 -9.80 1.47 13.99
N ARG A 307 -9.23 1.11 15.15
CA ARG A 307 -8.22 1.98 15.80
C ARG A 307 -6.78 1.58 15.46
N ASN A 308 -5.81 2.36 15.92
CA ASN A 308 -4.38 2.09 15.63
C ASN A 308 -4.10 2.12 14.11
N LEU A 309 -4.72 3.07 13.42
CA LEU A 309 -4.52 3.22 12.01
C LEU A 309 -3.20 3.98 11.84
N SER A 310 -2.26 3.37 11.12
CA SER A 310 -1.09 4.10 10.65
C SER A 310 -1.14 4.20 9.14
N ASP A 311 -0.53 5.25 8.61
CA ASP A 311 -0.38 5.42 7.18
C ASP A 311 0.94 6.16 6.99
N HIS A 312 1.43 6.19 5.75
CA HIS A 312 2.51 7.07 5.39
C HIS A 312 1.89 8.29 4.75
N LEU A 313 2.12 9.44 5.36
CA LEU A 313 1.65 10.67 4.76
C LEU A 313 2.51 11.01 3.55
N LEU A 314 1.95 11.77 2.61
CA LEU A 314 2.66 12.12 1.40
C LEU A 314 2.92 13.60 1.33
N LEU A 315 4.10 13.98 0.85
CA LEU A 315 4.34 15.36 0.49
C LEU A 315 4.79 15.46 -0.96
N PRO A 316 4.01 16.18 -1.80
CA PRO A 316 4.44 16.32 -3.19
C PRO A 316 5.20 17.63 -3.40
N ALA A 317 5.98 17.71 -4.49
CA ALA A 317 6.67 18.95 -4.89
C ALA A 317 7.19 18.83 -6.32
N ALA A 318 6.68 19.68 -7.19
CA ALA A 318 7.15 19.72 -8.57
C ALA A 318 8.19 20.82 -8.75
N PHE A 319 9.08 20.61 -9.72
CA PHE A 319 10.11 21.57 -10.07
C PHE A 319 10.14 21.63 -11.59
N PHE A 320 10.14 22.85 -12.13
CA PHE A 320 10.43 23.05 -13.57
C PHE A 320 11.84 22.56 -13.88
N VAL A 321 11.98 21.92 -15.04
CA VAL A 321 13.24 21.39 -15.49
C VAL A 321 13.50 21.72 -16.95
N ASN A 322 14.77 21.84 -17.29
CA ASN A 322 15.23 22.08 -18.65
C ASN A 322 15.45 20.72 -19.31
N SER A 323 14.39 20.18 -19.93
CA SER A 323 14.41 18.84 -20.53
C SER A 323 13.24 18.69 -21.48
N ASN A 324 13.44 17.97 -22.58
CA ASN A 324 12.31 17.57 -23.42
C ASN A 324 12.02 16.06 -23.32
N GLN A 325 12.44 15.48 -22.19
CA GLN A 325 12.32 14.04 -21.99
C GLN A 325 11.51 13.65 -20.74
N THR A 326 10.84 14.63 -20.11
CA THR A 326 9.86 14.33 -19.05
C THR A 326 8.63 13.68 -19.65
N PHE A 327 7.86 13.01 -18.80
CA PHE A 327 6.69 12.27 -19.29
C PHE A 327 5.44 13.15 -19.45
N ASP A 328 5.52 14.41 -19.05
CA ASP A 328 4.39 15.33 -19.05
C ASP A 328 3.58 15.38 -20.35
N ASN A 329 4.24 15.47 -21.50
CA ASN A 329 3.54 15.59 -22.78
C ASN A 329 2.78 14.36 -23.25
N ILE A 330 3.10 13.19 -22.67
CA ILE A 330 2.30 11.98 -22.91
C ILE A 330 0.85 12.25 -22.45
N PHE A 331 0.68 13.03 -21.41
CA PHE A 331 -0.66 13.32 -20.87
C PHE A 331 -1.32 14.62 -21.40
N ARG A 332 -0.69 15.27 -22.38
CA ARG A 332 -1.21 16.52 -22.98
C ARG A 332 -1.39 16.41 -24.49
N ASP A 333 -0.54 15.62 -25.13
CA ASP A 333 -0.47 15.52 -26.60
C ASP A 333 -0.88 14.11 -27.06
N SER A 334 -2.06 14.03 -27.68
CA SER A 334 -2.63 12.80 -28.20
C SER A 334 -1.77 12.06 -29.19
N SER A 335 -1.06 12.80 -30.05
CA SER A 335 -0.17 12.15 -31.05
C SER A 335 0.94 11.37 -30.34
N GLU A 336 1.57 12.00 -29.34
CA GLU A 336 2.64 11.36 -28.59
C GLU A 336 2.09 10.13 -27.82
N PHE A 337 0.98 10.33 -27.10
CA PHE A 337 0.32 9.22 -26.40
C PHE A 337 0.03 8.03 -27.31
N ASN A 338 -0.57 8.30 -28.48
CA ASN A 338 -0.92 7.23 -29.44
C ASN A 338 0.25 6.50 -30.06
N VAL A 339 1.35 7.22 -30.32
CA VAL A 339 2.61 6.58 -30.77
C VAL A 339 3.11 5.63 -29.66
N ASP A 340 3.12 6.11 -28.41
CA ASP A 340 3.54 5.28 -27.26
C ASP A 340 2.61 4.07 -27.01
N LEU A 341 1.30 4.27 -27.15
CA LEU A 341 0.32 3.19 -27.03
C LEU A 341 0.49 2.11 -28.09
N ASP A 342 0.70 2.53 -29.35
CA ASP A 342 0.95 1.54 -30.42
C ASP A 342 2.21 0.71 -30.13
N GLN A 343 3.27 1.36 -29.68
CA GLN A 343 4.50 0.65 -29.32
C GLN A 343 4.27 -0.33 -28.15
N TRP A 344 3.58 0.14 -27.10
CA TRP A 344 3.19 -0.74 -25.98
C TRP A 344 2.32 -1.92 -26.44
N THR A 345 1.33 -1.67 -27.29
CA THR A 345 0.39 -2.71 -27.78
C THR A 345 1.10 -3.79 -28.59
N ASN A 346 2.03 -3.38 -29.44
CA ASN A 346 2.68 -4.27 -30.39
C ASN A 346 3.90 -4.99 -29.81
N THR A 347 4.65 -4.32 -28.92
CA THR A 347 5.94 -4.87 -28.47
C THR A 347 6.12 -4.90 -26.94
N ARG A 348 5.21 -4.24 -26.20
CA ARG A 348 5.31 -4.15 -24.73
C ARG A 348 6.58 -3.45 -24.27
N THR A 349 6.94 -2.39 -25.00
CA THR A 349 8.11 -1.57 -24.69
C THR A 349 7.72 -0.11 -24.83
N GLY A 350 8.60 0.75 -24.33
CA GLY A 350 8.46 2.17 -24.52
C GLY A 350 8.00 2.91 -23.27
N PRO A 351 7.73 4.21 -23.41
CA PRO A 351 7.37 5.07 -22.27
C PRO A 351 6.19 4.56 -21.39
N LEU A 352 5.25 3.81 -21.95
CA LEU A 352 4.12 3.32 -21.15
C LEU A 352 4.47 2.21 -20.15
N THR A 353 5.67 1.63 -20.31
CA THR A 353 6.20 0.65 -19.35
C THR A 353 6.89 1.32 -18.17
N ALA A 354 7.09 2.64 -18.26
CA ALA A 354 7.83 3.38 -17.25
C ALA A 354 7.10 3.43 -15.91
N LEU A 355 7.89 3.51 -14.86
CA LEU A 355 7.40 3.58 -13.51
C LEU A 355 7.16 5.02 -13.09
N ILE A 356 6.46 5.18 -11.97
CA ILE A 356 6.34 6.47 -11.35
C ILE A 356 7.71 7.07 -10.91
N ALA A 357 8.66 6.20 -10.54
CA ALA A 357 9.99 6.60 -10.10
C ALA A 357 10.98 5.47 -10.35
N ASN A 358 12.19 5.81 -10.81
CA ASN A 358 13.23 4.80 -11.03
C ASN A 358 14.17 4.64 -9.84
N HIS A 359 14.15 5.61 -8.93
CA HIS A 359 14.98 5.56 -7.72
C HIS A 359 14.22 6.07 -6.51
N LEU A 360 14.55 5.51 -5.34
CA LEU A 360 13.94 5.89 -4.07
C LEU A 360 15.05 6.08 -3.03
N ALA A 361 14.92 7.11 -2.20
CA ALA A 361 15.83 7.38 -1.08
C ALA A 361 15.11 7.14 0.24
N TRP A 362 15.75 6.41 1.15
CA TRP A 362 15.21 6.12 2.49
C TRP A 362 16.21 6.69 3.51
N LEU A 363 15.72 7.56 4.39
CA LEU A 363 16.53 8.53 5.12
C LEU A 363 16.16 8.63 6.60
N ARG A 364 17.17 8.97 7.41
CA ARG A 364 17.01 9.22 8.85
C ARG A 364 17.36 10.64 9.20
N LEU A 365 16.71 11.10 10.26
CA LEU A 365 17.13 12.30 10.96
C LEU A 365 18.51 12.06 11.59
N PRO A 366 19.36 13.12 11.67
CA PRO A 366 20.63 13.02 12.43
C PRO A 366 20.33 12.48 13.84
N SER A 367 21.16 11.57 14.34
CA SER A 367 20.92 10.95 15.68
C SER A 367 20.96 11.95 16.85
N ASN A 368 21.46 13.15 16.59
CA ASN A 368 21.54 14.26 17.55
C ASN A 368 20.46 15.35 17.34
N SER A 369 19.47 15.09 16.46
CA SER A 369 18.39 16.05 16.15
C SER A 369 17.67 16.57 17.41
N SER A 370 17.38 17.87 17.44
CA SER A 370 16.67 18.50 18.58
C SER A 370 15.34 17.80 18.97
N ILE A 371 14.62 17.24 17.99
CA ILE A 371 13.37 16.50 18.22
C ILE A 371 13.49 15.31 19.17
N PHE A 372 14.68 14.72 19.26
CA PHE A 372 14.89 13.57 20.13
C PHE A 372 14.98 13.93 21.63
N GLN A 373 15.04 15.22 21.96
CA GLN A 373 14.85 15.67 23.36
C GLN A 373 13.48 15.29 23.89
N THR A 374 12.46 15.62 23.10
CA THR A 374 11.06 15.44 23.50
C THR A 374 10.42 14.09 23.09
N PHE A 375 10.95 13.42 22.06
CA PHE A 375 10.36 12.14 21.58
C PHE A 375 11.34 10.95 21.59
N PRO A 376 10.92 9.77 22.10
CA PRO A 376 11.70 8.56 21.79
C PRO A 376 11.70 8.32 20.27
N ASP A 377 12.70 7.63 19.75
CA ASP A 377 12.83 7.33 18.30
C ASP A 377 11.64 6.47 17.81
N PRO A 378 10.76 7.04 16.95
CA PRO A 378 9.60 6.28 16.47
C PRO A 378 9.92 5.27 15.35
N ALA A 379 11.14 5.30 14.79
CA ALA A 379 11.55 4.34 13.74
C ALA A 379 11.51 2.91 14.28
N ALA A 380 11.26 1.94 13.41
CA ALA A 380 11.26 0.53 13.81
C ALA A 380 12.56 0.06 14.53
N GLY A 381 13.64 0.83 14.34
CA GLY A 381 14.96 0.51 14.89
C GLY A 381 16.01 1.43 14.29
N PRO A 382 17.28 1.30 14.76
CA PRO A 382 18.36 2.22 14.29
C PRO A 382 18.68 2.10 12.78
N ASN A 383 18.41 0.95 12.17
CA ASN A 383 18.63 0.77 10.73
C ASN A 383 17.40 1.09 9.83
N SER A 384 16.35 1.68 10.41
CA SER A 384 15.13 1.99 9.67
C SER A 384 14.98 3.47 9.42
N ALA A 385 14.05 3.80 8.52
CA ALA A 385 13.84 5.16 8.05
C ALA A 385 12.88 5.98 8.88
N HIS A 386 13.06 7.29 8.77
CA HIS A 386 12.09 8.28 9.20
C HIS A 386 11.25 8.78 8.02
N TRP A 387 11.89 8.95 6.88
CA TRP A 387 11.18 9.38 5.70
C TRP A 387 11.75 8.76 4.42
N GLU A 388 11.01 8.94 3.32
CA GLU A 388 11.37 8.45 2.01
C GLU A 388 11.28 9.63 1.07
N THR A 389 12.05 9.57 -0.03
CA THR A 389 12.06 10.59 -1.06
C THR A 389 12.04 9.84 -2.38
N ILE A 390 11.14 10.28 -3.27
CA ILE A 390 10.84 9.58 -4.51
C ILE A 390 11.03 10.59 -5.63
N PHE A 391 11.78 10.19 -6.67
CA PHE A 391 12.15 11.06 -7.78
C PHE A 391 11.38 10.62 -9.01
N SER A 392 10.53 11.50 -9.55
CA SER A 392 9.69 11.18 -10.71
C SER A 392 9.96 12.07 -11.91
N ASN A 393 10.05 11.48 -13.09
CA ASN A 393 10.31 12.19 -14.34
C ASN A 393 9.06 12.90 -14.93
N GLN A 394 8.31 13.59 -14.07
CA GLN A 394 7.05 14.27 -14.46
C GLN A 394 6.43 14.98 -13.26
N TRP A 395 5.39 15.76 -13.55
CA TRP A 395 4.50 16.29 -12.53
C TRP A 395 3.81 15.14 -11.79
N PHE A 396 3.85 15.21 -10.46
CA PHE A 396 3.08 14.31 -9.63
C PHE A 396 2.55 15.03 -8.41
N HIS A 397 1.23 15.13 -8.31
CA HIS A 397 0.56 15.77 -7.17
C HIS A 397 -0.89 15.25 -7.11
N PRO A 398 -1.27 14.48 -6.07
CA PRO A 398 -2.63 13.89 -6.01
C PRO A 398 -3.77 14.91 -5.98
N ALA A 399 -3.54 16.12 -5.45
CA ALA A 399 -4.61 17.14 -5.32
C ALA A 399 -4.55 18.33 -6.29
N ILE A 400 -3.53 18.41 -7.15
CA ILE A 400 -3.41 19.50 -8.12
C ILE A 400 -3.15 18.91 -9.51
N PRO A 401 -4.02 19.23 -10.50
CA PRO A 401 -3.78 18.72 -11.86
C PRO A 401 -2.48 19.25 -12.49
N ARG A 402 -1.95 18.50 -13.44
CA ARG A 402 -0.78 18.89 -14.21
C ARG A 402 -1.04 20.22 -14.96
N PRO A 403 -0.15 21.22 -14.77
CA PRO A 403 -0.22 22.49 -15.52
C PRO A 403 -0.18 22.26 -17.00
N ASP A 404 -0.85 23.14 -17.76
CA ASP A 404 -0.86 23.07 -19.24
C ASP A 404 0.54 23.25 -19.85
N THR A 405 1.39 24.01 -19.16
CA THR A 405 2.74 24.31 -19.66
C THR A 405 3.81 23.98 -18.61
N GLY A 406 5.02 23.70 -19.10
CA GLY A 406 6.14 23.37 -18.22
C GLY A 406 6.54 21.91 -18.31
N SER A 407 7.85 21.67 -18.17
CA SER A 407 8.37 20.32 -18.01
C SER A 407 8.79 20.18 -16.56
N PHE A 408 8.52 19.02 -15.95
CA PHE A 408 8.69 18.89 -14.51
C PHE A 408 9.42 17.63 -14.09
N MET A 409 10.04 17.72 -12.91
CA MET A 409 10.36 16.53 -12.13
C MET A 409 9.68 16.73 -10.80
N SER A 410 9.37 15.64 -10.12
CA SER A 410 8.80 15.76 -8.79
C SER A 410 9.61 15.02 -7.73
N VAL A 411 9.57 15.57 -6.53
CA VAL A 411 10.29 15.03 -5.39
C VAL A 411 9.19 14.84 -4.35
N THR A 412 8.81 13.58 -4.13
CA THR A 412 7.72 13.23 -3.24
C THR A 412 8.26 12.58 -1.98
N ASN A 413 7.87 13.08 -0.80
CA ASN A 413 8.27 12.45 0.47
C ASN A 413 7.15 11.64 1.07
N ALA A 414 7.53 10.60 1.80
CA ALA A 414 6.60 9.84 2.63
C ALA A 414 7.16 9.83 4.05
N LEU A 415 6.30 10.10 5.03
CA LEU A 415 6.65 9.93 6.44
C LEU A 415 6.53 8.45 6.82
N ILE A 416 7.67 7.81 7.02
CA ILE A 416 7.73 6.35 7.21
C ILE A 416 7.47 5.92 8.65
N SER A 417 7.85 6.76 9.60
CA SER A 417 7.72 6.41 11.01
C SER A 417 6.85 7.48 11.75
N PRO A 418 5.53 7.53 11.46
CA PRO A 418 4.72 8.57 12.13
C PRO A 418 4.53 8.29 13.62
N VAL A 419 4.46 9.34 14.42
CA VAL A 419 3.97 9.20 15.80
C VAL A 419 2.43 9.20 15.79
N ALA A 420 1.81 10.01 14.92
CA ALA A 420 0.33 10.05 14.79
C ALA A 420 -0.32 8.68 14.58
N ARG A 421 -1.44 8.51 15.25
CA ARG A 421 -2.33 7.35 15.02
C ARG A 421 -3.73 7.89 14.75
N GLY A 422 -4.50 7.13 13.99
CA GLY A 422 -5.83 7.55 13.60
C GLY A 422 -6.85 6.46 13.81
N ASP A 423 -8.03 6.66 13.23
CA ASP A 423 -9.10 5.64 13.29
C ASP A 423 -10.07 5.67 12.10
N ILE A 424 -10.74 4.54 11.91
CA ILE A 424 -11.80 4.39 10.92
C ILE A 424 -13.08 3.99 11.67
N LYS A 425 -14.16 4.75 11.46
CA LYS A 425 -15.46 4.57 12.18
C LYS A 425 -16.66 4.66 11.23
N LEU A 426 -17.77 4.03 11.61
CA LEU A 426 -19.05 4.14 10.88
C LEU A 426 -19.73 5.46 11.17
N ALA A 427 -20.19 6.13 10.10
CA ALA A 427 -21.09 7.29 10.25
C ALA A 427 -22.56 6.84 10.44
N THR A 428 -22.92 5.69 9.84
CA THR A 428 -24.28 5.11 9.91
C THR A 428 -24.15 3.58 9.89
N SER A 429 -25.26 2.88 10.16
CA SER A 429 -25.31 1.40 10.11
C SER A 429 -25.58 0.86 8.69
N ASN A 430 -25.63 1.78 7.72
CA ASN A 430 -25.89 1.38 6.35
C ASN A 430 -24.55 0.97 5.65
N PRO A 431 -24.42 -0.32 5.26
CA PRO A 431 -23.18 -0.81 4.63
C PRO A 431 -22.80 -0.09 3.33
N PHE A 432 -23.76 0.58 2.68
CA PHE A 432 -23.44 1.33 1.47
C PHE A 432 -23.10 2.80 1.70
N ASP A 433 -23.16 3.28 2.95
CA ASP A 433 -22.63 4.62 3.26
C ASP A 433 -21.10 4.60 3.42
N LYS A 434 -20.48 5.75 3.14
CA LYS A 434 -19.04 5.93 3.33
C LYS A 434 -18.67 5.98 4.82
N PRO A 435 -17.51 5.39 5.19
CA PRO A 435 -17.03 5.46 6.57
C PRO A 435 -16.32 6.78 6.86
N LEU A 436 -16.02 6.98 8.14
CA LEU A 436 -15.24 8.12 8.59
C LEU A 436 -13.79 7.68 8.77
N ILE A 437 -12.92 8.22 7.91
CA ILE A 437 -11.51 7.85 7.89
C ILE A 437 -10.73 9.06 8.40
N ASN A 438 -10.19 8.93 9.60
CA ASN A 438 -9.48 10.03 10.27
C ASN A 438 -8.04 9.61 10.65
N PRO A 439 -7.07 9.86 9.75
CA PRO A 439 -5.71 9.40 10.01
C PRO A 439 -4.95 10.30 10.99
N GLN A 440 -5.42 11.54 11.20
CA GLN A 440 -4.83 12.50 12.16
C GLN A 440 -3.40 12.93 11.75
N TYR A 441 -3.24 13.18 10.46
CA TYR A 441 -1.97 13.59 9.89
C TYR A 441 -1.43 14.88 10.52
N LEU A 442 -0.13 14.87 10.81
CA LEU A 442 0.56 16.07 11.29
C LEU A 442 -0.02 16.63 12.60
N SER A 443 -0.42 15.71 13.48
CA SER A 443 -1.05 16.05 14.75
C SER A 443 -0.06 15.97 15.91
N THR A 444 1.19 15.61 15.61
CA THR A 444 2.28 15.58 16.61
C THR A 444 3.43 16.47 16.10
N GLU A 445 4.25 16.99 17.05
CA GLU A 445 5.39 17.83 16.71
C GLU A 445 6.43 17.00 15.92
N PHE A 446 6.65 15.74 16.30
CA PHE A 446 7.55 14.89 15.53
C PHE A 446 7.29 14.90 14.01
N ASP A 447 6.00 14.74 13.65
CA ASP A 447 5.62 14.51 12.26
C ASP A 447 5.81 15.75 11.42
N ILE A 448 5.45 16.91 11.96
CA ILE A 448 5.67 18.15 11.22
C ILE A 448 7.18 18.49 11.17
N PHE A 449 7.88 18.24 12.28
CA PHE A 449 9.34 18.51 12.35
C PHE A 449 10.10 17.73 11.26
N THR A 450 9.88 16.42 11.23
CA THR A 450 10.48 15.53 10.21
C THR A 450 10.21 15.99 8.78
N MET A 451 8.97 16.39 8.50
CA MET A 451 8.63 16.87 7.16
C MET A 451 9.32 18.17 6.79
N ILE A 452 9.50 19.07 7.77
CA ILE A 452 10.29 20.29 7.54
C ILE A 452 11.75 19.88 7.16
N GLN A 453 12.32 18.93 7.92
CA GLN A 453 13.66 18.38 7.64
C GLN A 453 13.75 17.73 6.25
N ALA A 454 12.72 16.94 5.90
CA ALA A 454 12.66 16.28 4.59
C ALA A 454 12.76 17.28 3.43
N VAL A 455 12.08 18.42 3.57
CA VAL A 455 12.12 19.46 2.55
C VAL A 455 13.54 20.03 2.42
N LYS A 456 14.20 20.29 3.55
CA LYS A 456 15.58 20.84 3.54
C LYS A 456 16.55 19.86 2.84
N SER A 457 16.41 18.58 3.19
CA SER A 457 17.06 17.48 2.50
C SER A 457 16.81 17.43 0.97
N ASN A 458 15.54 17.56 0.55
CA ASN A 458 15.25 17.60 -0.90
C ASN A 458 16.02 18.72 -1.59
N LEU A 459 16.07 19.89 -0.94
CA LEU A 459 16.75 21.06 -1.53
C LEU A 459 18.28 20.92 -1.54
N ARG A 460 18.87 20.29 -0.52
CA ARG A 460 20.29 19.88 -0.59
C ARG A 460 20.52 18.93 -1.75
N PHE A 461 19.67 17.90 -1.87
CA PHE A 461 19.79 16.95 -2.97
C PHE A 461 19.85 17.67 -4.32
N LEU A 462 18.88 18.56 -4.55
CA LEU A 462 18.73 19.22 -5.85
C LEU A 462 19.70 20.40 -6.08
N SER A 463 20.40 20.83 -5.03
CA SER A 463 21.45 21.86 -5.18
C SER A 463 22.78 21.28 -5.71
N GLY A 464 22.85 19.95 -5.87
CA GLY A 464 24.03 19.25 -6.38
C GLY A 464 24.41 19.59 -7.81
N GLN A 465 25.68 19.36 -8.12
CA GLN A 465 26.25 19.63 -9.44
C GLN A 465 25.53 18.88 -10.56
N ALA A 466 25.14 17.63 -10.29
CA ALA A 466 24.38 16.82 -11.26
C ALA A 466 23.08 17.50 -11.75
N TRP A 467 22.53 18.39 -10.93
CA TRP A 467 21.25 19.07 -11.22
C TRP A 467 21.39 20.49 -11.81
N ALA A 468 22.63 21.00 -11.88
CA ALA A 468 22.89 22.42 -12.19
C ALA A 468 22.25 22.97 -13.47
N ASP A 469 22.24 22.15 -14.51
CA ASP A 469 21.74 22.55 -15.83
C ASP A 469 20.33 21.96 -16.09
N PHE A 470 19.70 21.40 -15.06
CA PHE A 470 18.48 20.59 -15.23
C PHE A 470 17.31 21.22 -14.47
N VAL A 471 17.43 21.30 -13.15
CA VAL A 471 16.46 21.96 -12.29
C VAL A 471 16.50 23.46 -12.55
N ILE A 472 15.36 24.01 -12.97
CA ILE A 472 15.20 25.46 -13.11
C ILE A 472 14.77 26.09 -11.77
N ARG A 473 13.58 25.75 -11.27
CA ARG A 473 13.01 26.33 -10.02
C ARG A 473 11.83 25.51 -9.52
N PRO A 474 11.50 25.63 -8.21
CA PRO A 474 10.28 24.97 -7.72
C PRO A 474 9.03 25.63 -8.29
N PHE A 475 8.00 24.82 -8.54
CA PHE A 475 6.68 25.28 -8.98
C PHE A 475 6.09 26.25 -7.95
N ASP A 476 6.20 25.88 -6.69
CA ASP A 476 5.72 26.69 -5.60
C ASP A 476 6.86 27.53 -5.01
N PRO A 477 6.69 28.87 -4.95
CA PRO A 477 7.71 29.79 -4.43
C PRO A 477 8.06 29.63 -2.94
N ARG A 478 7.20 28.96 -2.14
CA ARG A 478 7.54 28.65 -0.74
C ARG A 478 8.68 27.64 -0.58
N LEU A 479 9.15 27.09 -1.70
CA LEU A 479 10.27 26.17 -1.67
C LEU A 479 11.57 26.80 -2.20
N ARG A 480 11.57 28.14 -2.35
CA ARG A 480 12.73 28.89 -2.89
C ARG A 480 13.88 28.99 -1.87
N ASP A 481 13.54 29.01 -0.59
CA ASP A 481 14.47 29.31 0.51
C ASP A 481 14.47 28.25 1.64
N PRO A 482 15.57 27.45 1.74
CA PRO A 482 15.71 26.36 2.71
C PRO A 482 15.68 26.79 4.17
N THR A 483 15.88 28.08 4.44
CA THR A 483 15.94 28.58 5.84
C THR A 483 14.60 29.15 6.33
N ASP A 484 13.65 29.37 5.41
CA ASP A 484 12.35 29.97 5.74
C ASP A 484 11.35 28.91 6.25
N ASP A 485 11.42 28.59 7.55
CA ASP A 485 10.65 27.50 8.16
C ASP A 485 9.14 27.71 8.11
N ALA A 486 8.72 28.97 8.25
CA ALA A 486 7.32 29.38 8.18
C ALA A 486 6.76 29.07 6.79
N ALA A 487 7.46 29.47 5.74
CA ALA A 487 7.06 29.18 4.37
C ALA A 487 7.02 27.68 4.05
N ILE A 488 7.97 26.95 4.60
CA ILE A 488 8.08 25.51 4.40
C ILE A 488 6.92 24.79 5.08
N GLU A 489 6.66 25.11 6.35
CA GLU A 489 5.53 24.52 7.08
C GLU A 489 4.16 24.84 6.45
N SER A 490 4.00 26.06 5.94
CA SER A 490 2.80 26.45 5.21
C SER A 490 2.63 25.60 3.96
N TYR A 491 3.74 25.36 3.24
CA TYR A 491 3.74 24.52 2.05
C TYR A 491 3.26 23.10 2.38
N ILE A 492 3.76 22.58 3.49
CA ILE A 492 3.50 21.21 3.91
C ILE A 492 2.03 21.06 4.26
N ARG A 493 1.51 21.98 5.05
CA ARG A 493 0.15 21.86 5.58
C ARG A 493 -0.88 22.07 4.46
N ASP A 494 -0.51 22.84 3.44
CA ASP A 494 -1.37 23.04 2.24
C ASP A 494 -1.24 21.93 1.17
N ASN A 495 -0.12 21.19 1.16
CA ASN A 495 0.08 20.23 0.08
C ASN A 495 0.12 18.78 0.51
N ALA A 496 0.33 18.51 1.79
CA ALA A 496 0.43 17.13 2.23
C ALA A 496 -0.85 16.35 1.96
N ASN A 497 -0.69 15.03 1.82
CA ASN A 497 -1.71 14.15 1.32
C ASN A 497 -1.42 12.77 1.93
N THR A 498 -1.71 11.70 1.18
CA THR A 498 -1.44 10.32 1.61
C THR A 498 -0.73 9.56 0.51
N ILE A 499 0.12 8.60 0.89
CA ILE A 499 0.77 7.72 -0.12
C ILE A 499 0.13 6.32 -0.09
N PHE A 500 -1.05 6.24 0.52
CA PHE A 500 -1.98 5.12 0.25
C PHE A 500 -1.53 3.81 0.89
N HIS A 501 -0.91 3.89 2.07
CA HIS A 501 -0.37 2.68 2.75
C HIS A 501 -0.98 2.44 4.14
N PRO A 502 -2.35 2.45 4.25
CA PRO A 502 -2.92 2.26 5.59
C PRO A 502 -2.73 0.86 6.14
N VAL A 503 -2.44 0.76 7.45
CA VAL A 503 -2.33 -0.53 8.14
C VAL A 503 -2.87 -0.37 9.57
N GLY A 504 -3.12 -1.48 10.25
CA GLY A 504 -3.26 -1.44 11.70
C GLY A 504 -4.67 -1.46 12.31
N THR A 505 -5.68 -1.25 11.47
CA THR A 505 -7.07 -1.15 11.91
C THR A 505 -7.66 -2.46 12.46
N ALA A 506 -6.97 -3.58 12.25
CA ALA A 506 -7.30 -4.83 12.91
C ALA A 506 -6.02 -5.53 13.43
N SER A 507 -5.22 -4.77 14.19
CA SER A 507 -3.85 -5.19 14.60
C SER A 507 -3.79 -6.56 15.21
N MET A 508 -2.79 -7.34 14.81
CA MET A 508 -2.43 -8.54 15.55
C MET A 508 -1.70 -8.17 16.86
N SER A 509 -1.91 -9.00 17.87
CA SER A 509 -1.31 -8.81 19.20
C SER A 509 -1.31 -10.21 19.82
N PRO A 510 -0.59 -10.42 20.97
CA PRO A 510 -0.45 -11.80 21.53
C PRO A 510 -1.81 -12.45 21.91
N ARG A 511 -1.90 -13.79 21.94
CA ARG A 511 -3.16 -14.47 22.34
C ARG A 511 -3.68 -13.97 23.70
N GLY A 512 -4.97 -13.64 23.74
CA GLY A 512 -5.64 -13.13 24.93
C GLY A 512 -5.21 -11.75 25.42
N ALA A 513 -4.60 -10.94 24.56
CA ALA A 513 -3.95 -9.72 25.04
C ALA A 513 -4.79 -8.45 25.14
N SER A 514 -4.27 -7.52 25.94
CA SER A 514 -4.73 -6.13 26.13
C SER A 514 -5.59 -5.57 25.00
N TRP A 515 -4.94 -4.97 23.99
CA TRP A 515 -5.60 -4.48 22.80
C TRP A 515 -5.30 -5.38 21.58
N GLY A 516 -5.62 -4.89 20.39
CA GLY A 516 -5.53 -5.71 19.18
C GLY A 516 -6.88 -6.33 18.82
N VAL A 517 -6.98 -6.80 17.58
CA VAL A 517 -8.21 -7.37 17.05
C VAL A 517 -8.02 -8.84 16.75
N VAL A 518 -6.82 -9.24 16.34
CA VAL A 518 -6.58 -10.64 16.00
C VAL A 518 -5.41 -11.23 16.81
N ASP A 519 -5.36 -12.55 16.89
CA ASP A 519 -4.24 -13.23 17.48
C ASP A 519 -3.06 -13.28 16.47
N PRO A 520 -1.84 -13.73 16.92
CA PRO A 520 -0.71 -13.86 15.97
C PRO A 520 -0.98 -14.81 14.80
N ASP A 521 -1.89 -15.79 14.97
CA ASP A 521 -2.28 -16.65 13.85
C ASP A 521 -3.41 -16.03 12.99
N LEU A 522 -3.74 -14.77 13.28
CA LEU A 522 -4.69 -13.93 12.54
C LEU A 522 -6.19 -14.27 12.75
N LYS A 523 -6.47 -15.17 13.69
CA LYS A 523 -7.85 -15.40 14.16
C LYS A 523 -8.38 -14.22 14.95
N VAL A 524 -9.61 -13.82 14.65
CA VAL A 524 -10.28 -12.72 15.35
C VAL A 524 -10.46 -13.09 16.83
N LYS A 525 -10.06 -12.18 17.72
CA LYS A 525 -10.19 -12.34 19.17
C LYS A 525 -11.67 -12.36 19.56
N GLY A 526 -12.05 -13.36 20.36
CA GLY A 526 -13.41 -13.46 20.90
C GLY A 526 -14.44 -14.02 19.92
N VAL A 527 -13.97 -14.70 18.87
CA VAL A 527 -14.81 -15.20 17.79
C VAL A 527 -14.24 -16.52 17.32
N ASP A 528 -15.10 -17.41 16.85
CA ASP A 528 -14.65 -18.63 16.19
C ASP A 528 -14.97 -18.60 14.68
N GLY A 529 -14.09 -19.22 13.88
CA GLY A 529 -14.30 -19.41 12.44
C GLY A 529 -14.04 -18.19 11.54
N LEU A 530 -13.46 -17.14 12.11
CA LEU A 530 -13.16 -15.91 11.37
C LEU A 530 -11.66 -15.55 11.43
N ARG A 531 -11.06 -15.39 10.24
CA ARG A 531 -9.64 -15.05 10.06
C ARG A 531 -9.49 -13.76 9.21
N ILE A 532 -8.55 -12.88 9.60
CA ILE A 532 -8.23 -11.67 8.83
C ILE A 532 -6.83 -11.78 8.18
N VAL A 533 -6.80 -11.73 6.84
CA VAL A 533 -5.55 -11.81 6.08
C VAL A 533 -5.50 -10.66 5.07
N ASP A 534 -4.91 -9.55 5.50
CA ASP A 534 -4.72 -8.35 4.71
C ASP A 534 -3.91 -7.32 5.50
N GLY A 535 -3.80 -6.11 4.95
CA GLY A 535 -3.06 -5.03 5.57
C GLY A 535 -3.49 -4.56 6.96
N SER A 536 -4.73 -4.89 7.36
CA SER A 536 -5.29 -4.36 8.63
C SER A 536 -4.60 -5.00 9.83
N ILE A 537 -4.03 -6.18 9.65
CA ILE A 537 -3.36 -6.87 10.75
C ILE A 537 -2.00 -6.28 11.16
N LEU A 538 -1.33 -5.55 10.27
CA LEU A 538 0.03 -5.05 10.55
C LEU A 538 -0.02 -3.91 11.56
N PRO A 539 0.65 -4.07 12.72
CA PRO A 539 0.46 -3.09 13.82
C PRO A 539 1.30 -1.82 13.73
N PHE A 540 2.26 -1.78 12.79
CA PHE A 540 3.07 -0.59 12.57
C PHE A 540 3.26 -0.39 11.09
N ALA A 541 3.30 0.87 10.67
CA ALA A 541 3.78 1.23 9.33
C ALA A 541 5.16 0.58 9.06
N PRO A 542 5.29 -0.20 7.96
CA PRO A 542 6.60 -0.78 7.63
C PRO A 542 7.49 0.19 6.85
N ASN A 543 8.76 -0.19 6.70
CA ASN A 543 9.71 0.54 5.86
C ASN A 543 9.56 0.07 4.41
N ALA A 544 8.39 0.34 3.84
CA ALA A 544 7.98 -0.25 2.54
C ALA A 544 6.65 0.29 2.12
N HIS A 545 6.51 0.47 0.81
CA HIS A 545 5.20 0.53 0.19
C HIS A 545 4.56 -0.83 0.51
N THR A 546 3.26 -0.83 0.79
CA THR A 546 2.66 -1.93 1.53
C THR A 546 2.30 -3.21 0.74
N GLN A 547 2.34 -3.18 -0.60
CA GLN A 547 2.06 -4.44 -1.35
C GLN A 547 2.99 -5.59 -0.94
N GLY A 548 4.29 -5.29 -0.77
CA GLY A 548 5.30 -6.32 -0.44
C GLY A 548 5.06 -7.01 0.89
N PRO A 549 4.97 -6.22 1.99
CA PRO A 549 4.62 -6.81 3.28
C PRO A 549 3.24 -7.50 3.28
N ILE A 550 2.25 -6.90 2.59
CA ILE A 550 0.91 -7.50 2.54
C ILE A 550 0.88 -8.84 1.84
N TYR A 551 1.64 -8.98 0.74
CA TYR A 551 1.83 -10.28 0.10
C TYR A 551 2.43 -11.34 1.05
N LEU A 552 3.37 -10.92 1.91
CA LEU A 552 3.93 -11.83 2.92
C LEU A 552 2.85 -12.26 3.93
N VAL A 553 2.01 -11.31 4.34
CA VAL A 553 0.87 -11.63 5.20
C VAL A 553 -0.03 -12.65 4.52
N GLY A 554 -0.29 -12.44 3.23
CA GLY A 554 -1.10 -13.35 2.46
C GLY A 554 -0.51 -14.74 2.37
N GLU A 555 0.78 -14.85 2.06
CA GLU A 555 1.43 -16.16 1.93
C GLU A 555 1.49 -16.89 3.28
N ARG A 556 1.85 -16.19 4.35
CA ARG A 556 1.91 -16.85 5.67
C ARG A 556 0.50 -17.21 6.15
N GLY A 557 -0.43 -16.25 5.98
CA GLY A 557 -1.85 -16.46 6.28
C GLY A 557 -2.39 -17.74 5.69
N ALA A 558 -2.10 -17.97 4.42
CA ALA A 558 -2.49 -19.22 3.77
C ALA A 558 -1.92 -20.44 4.50
N ASP A 559 -0.64 -20.39 4.88
CA ASP A 559 -0.01 -21.51 5.62
C ASP A 559 -0.63 -21.69 7.00
N LEU A 560 -0.90 -20.57 7.69
CA LEU A 560 -1.61 -20.58 8.98
C LEU A 560 -2.98 -21.27 8.86
N ILE A 561 -3.74 -20.90 7.82
CA ILE A 561 -5.02 -21.55 7.51
C ILE A 561 -4.85 -23.06 7.24
N LYS A 562 -3.88 -23.45 6.42
CA LYS A 562 -3.67 -24.87 6.12
C LYS A 562 -3.30 -25.70 7.36
N ALA A 563 -2.61 -25.07 8.32
CA ALA A 563 -2.15 -25.74 9.52
C ALA A 563 -3.32 -26.14 10.44
N ASP A 564 -4.45 -25.42 10.39
CA ASP A 564 -5.64 -25.76 11.19
C ASP A 564 -6.63 -26.69 10.51
N GLN A 565 -6.28 -27.27 9.36
CA GLN A 565 -7.21 -28.12 8.59
C GLN A 565 -7.48 -29.52 9.15
C8 ANN B . 5.54 9.69 -6.46
O3 ANN B . 5.60 8.28 -6.62
C5 ANN B . 4.87 7.38 -5.87
C6 ANN B . 5.32 6.06 -5.74
C7 ANN B . 4.60 5.12 -5.00
C2 ANN B . 3.41 5.50 -4.38
C3 ANN B . 2.94 6.83 -4.52
C4 ANN B . 3.66 7.78 -5.25
C1 ANN B . 2.61 4.54 -3.55
O1 ANN B . 3.13 3.56 -2.98
O2 ANN B . 1.40 4.78 -3.39
PA FAD C . -6.86 -4.50 -1.16
O1A FAD C . -5.89 -4.99 -2.20
O2A FAD C . -7.36 -3.09 -1.16
O5B FAD C . -8.04 -5.56 -1.18
C5B FAD C . -9.32 -5.39 -0.58
C4B FAD C . -10.33 -5.99 -1.55
O4B FAD C . -11.56 -6.31 -0.88
C3B FAD C . -10.73 -5.02 -2.67
O3B FAD C . -10.76 -5.76 -3.90
C2B FAD C . -12.13 -4.52 -2.30
O2B FAD C . -12.95 -4.17 -3.44
C1B FAD C . -12.68 -5.72 -1.57
N9A FAD C . -13.70 -5.43 -0.54
C8A FAD C . -13.64 -4.50 0.45
N7A FAD C . -14.74 -4.55 1.21
C5A FAD C . -15.51 -5.55 0.71
C6A FAD C . -16.82 -6.13 1.06
N6A FAD C . -17.54 -5.66 2.10
N1A FAD C . -17.28 -7.14 0.28
C2A FAD C . -16.59 -7.63 -0.77
N3A FAD C . -15.41 -7.14 -1.16
C4A FAD C . -14.83 -6.13 -0.44
N1 FAD C . 1.73 -0.28 -2.58
C2 FAD C . 2.98 -0.59 -2.99
O2 FAD C . 3.59 -1.49 -2.33
N3 FAD C . 3.55 0.02 -4.05
C4 FAD C . 2.92 0.99 -4.74
O4 FAD C . 3.48 1.55 -5.71
C4X FAD C . 1.53 1.38 -4.35
N5 FAD C . 0.80 2.32 -4.97
C5X FAD C . -0.49 2.62 -4.59
C6 FAD C . -1.23 3.58 -5.30
C7 FAD C . -2.55 3.88 -4.94
C7M FAD C . -3.34 4.93 -5.71
C8 FAD C . -3.16 3.13 -3.81
C8M FAD C . -4.58 3.44 -3.35
C9 FAD C . -2.42 2.17 -3.11
C9A FAD C . -1.10 1.89 -3.44
N10 FAD C . -0.33 0.93 -2.76
C10 FAD C . 0.97 0.65 -3.19
C1' FAD C . -0.84 0.19 -1.60
C2' FAD C . -1.21 -1.23 -1.87
O2' FAD C . -1.94 -1.19 -3.10
C3' FAD C . -2.09 -1.68 -0.72
O3' FAD C . -1.48 -1.30 0.53
C4' FAD C . -2.37 -3.17 -0.78
O4' FAD C . -2.54 -3.57 -2.14
C5' FAD C . -3.63 -3.49 -0.05
O5' FAD C . -3.77 -4.91 0.06
P FAD C . -5.02 -5.59 0.83
O1P FAD C . -5.12 -7.04 0.45
O2P FAD C . -4.89 -5.20 2.28
O3P FAD C . -6.32 -4.79 0.33
C1 GOL D . 11.51 10.06 -23.35
O1 GOL D . 11.78 10.30 -21.95
C2 GOL D . 10.09 10.45 -23.84
O2 GOL D . 9.30 9.31 -24.15
C3 GOL D . 9.26 11.28 -22.88
O3 GOL D . 9.30 12.60 -23.41
C1 GOL E . -19.59 0.88 5.04
O1 GOL E . -19.09 2.05 5.76
C2 GOL E . -18.61 0.11 4.10
O2 GOL E . -18.20 0.84 2.84
C3 GOL E . -19.06 -1.36 3.90
O3 GOL E . -18.38 -2.49 4.54
C1 GOL F . -6.26 -2.26 1.56
O1 GOL F . -7.38 -1.45 1.15
C2 GOL F . -5.36 -1.95 2.77
O2 GOL F . -5.34 -3.19 3.40
C3 GOL F . -3.83 -1.82 2.55
O3 GOL F . -3.17 -0.55 2.67
C1 GOL G . 14.45 -1.43 -4.59
O1 GOL G . 14.34 -0.03 -4.26
C2 GOL G . 15.63 -2.21 -3.99
O2 GOL G . 15.06 -3.30 -3.29
C3 GOL G . 16.54 -2.88 -5.03
O3 GOL G . 17.27 -2.08 -5.97
C1 GOL H . -2.01 12.05 -11.59
O1 GOL H . -3.43 11.99 -11.86
C2 GOL H . -1.67 12.69 -10.23
O2 GOL H . -0.41 13.43 -10.25
C3 GOL H . -1.67 11.64 -9.12
O3 GOL H . -2.93 10.97 -9.03
#